data_1LCV
#
_entry.id   1LCV
#
_cell.length_a   47.290
_cell.length_b   95.320
_cell.length_c   105.290
_cell.angle_alpha   90.00
_cell.angle_beta   90.00
_cell.angle_gamma   90.00
#
_symmetry.space_group_name_H-M   'I 2 2 2'
#
loop_
_entity.id
_entity.type
_entity.pdbx_description
1 polymer streptavidin
2 non-polymer NORBIOTIN
3 water water
#
_entity_poly.entity_id   1
_entity_poly.type   'polypeptide(L)'
_entity_poly.pdbx_seq_one_letter_code
;AGITGTWYNQLGSTFIVTAGADGALTGTYESAVGNAESRYVLTGRYDSAPATDGSGTALGWTVAWKNNYRNAHSATTWSG
QYVGGAEARINTQWLLTSGTTEANAWKSTLVGHDTFTKVKP
;
_entity_poly.pdbx_strand_id   A,B
#
# COMPACT_ATOMS: atom_id res chain seq x y z
N ALA A 1 5.80 -17.29 6.91
CA ALA A 1 5.24 -18.66 6.62
C ALA A 1 4.61 -18.64 5.23
N GLY A 2 5.41 -18.98 4.23
CA GLY A 2 4.91 -18.95 2.87
C GLY A 2 5.25 -17.58 2.32
N ILE A 3 4.61 -16.54 2.84
CA ILE A 3 4.85 -15.19 2.37
C ILE A 3 6.29 -14.75 2.66
N THR A 4 6.77 -15.07 3.85
CA THR A 4 8.13 -14.68 4.25
C THR A 4 9.19 -15.27 3.30
N GLY A 5 10.14 -14.44 2.89
CA GLY A 5 11.19 -14.90 2.01
C GLY A 5 11.67 -13.88 0.99
N THR A 6 12.39 -14.36 -0.01
CA THR A 6 12.90 -13.51 -1.08
C THR A 6 12.09 -13.82 -2.33
N TRP A 7 11.65 -12.76 -3.02
CA TRP A 7 10.85 -12.88 -4.23
C TRP A 7 11.38 -11.96 -5.33
N TYR A 8 11.05 -12.29 -6.58
CA TYR A 8 11.47 -11.47 -7.72
C TYR A 8 10.33 -11.33 -8.70
N ASN A 9 10.24 -10.18 -9.38
CA ASN A 9 9.18 -10.02 -10.36
C ASN A 9 9.77 -10.07 -11.77
N GLN A 10 8.91 -9.98 -12.77
CA GLN A 10 9.32 -10.05 -14.17
C GLN A 10 10.29 -8.95 -14.63
N LEU A 11 10.45 -7.92 -13.82
CA LEU A 11 11.36 -6.82 -14.17
C LEU A 11 12.76 -7.08 -13.64
N GLY A 12 12.87 -8.00 -12.70
CA GLY A 12 14.17 -8.30 -12.12
C GLY A 12 14.35 -7.59 -10.79
N SER A 13 13.24 -7.07 -10.26
CA SER A 13 13.26 -6.35 -8.99
C SER A 13 13.27 -7.36 -7.83
N THR A 14 13.82 -6.94 -6.69
CA THR A 14 13.91 -7.82 -5.53
C THR A 14 13.00 -7.40 -4.39
N PHE A 15 12.31 -8.38 -3.81
CA PHE A 15 11.37 -8.17 -2.74
C PHE A 15 11.68 -9.11 -1.57
N ILE A 16 12.29 -8.56 -0.52
CA ILE A 16 12.63 -9.31 0.69
C ILE A 16 11.57 -8.94 1.73
N VAL A 17 10.83 -9.92 2.25
CA VAL A 17 9.77 -9.63 3.21
C VAL A 17 9.63 -10.64 4.34
N THR A 18 9.10 -10.18 5.47
CA THR A 18 8.86 -11.00 6.64
C THR A 18 7.43 -10.73 7.09
N ALA A 19 6.66 -11.80 7.31
CA ALA A 19 5.27 -11.66 7.73
C ALA A 19 5.12 -11.86 9.23
N GLY A 20 4.70 -10.82 9.93
CA GLY A 20 4.50 -10.91 11.36
C GLY A 20 3.18 -11.61 11.68
N ALA A 21 3.08 -12.18 12.88
CA ALA A 21 1.88 -12.90 13.30
C ALA A 21 0.67 -11.98 13.52
N ASP A 22 0.90 -10.68 13.56
CA ASP A 22 -0.16 -9.68 13.75
C ASP A 22 -0.70 -9.17 12.41
N GLY A 23 -0.22 -9.75 11.31
CA GLY A 23 -0.66 -9.34 10.00
C GLY A 23 0.19 -8.22 9.41
N ALA A 24 1.36 -8.00 10.00
CA ALA A 24 2.26 -6.95 9.53
C ALA A 24 3.33 -7.47 8.56
N LEU A 25 3.69 -6.63 7.59
CA LEU A 25 4.73 -6.97 6.62
C LEU A 25 5.81 -5.91 6.70
N THR A 26 7.06 -6.35 6.77
CA THR A 26 8.18 -5.41 6.80
C THR A 26 9.27 -6.02 5.94
N GLY A 27 10.14 -5.17 5.40
CA GLY A 27 11.22 -5.67 4.56
C GLY A 27 11.84 -4.58 3.74
N THR A 28 12.47 -4.98 2.64
CA THR A 28 13.13 -4.05 1.75
C THR A 28 12.85 -4.44 0.30
N TYR A 29 12.79 -3.43 -0.57
CA TYR A 29 12.53 -3.64 -1.98
C TYR A 29 13.62 -3.00 -2.82
N GLU A 30 14.00 -3.66 -3.91
CA GLU A 30 15.02 -3.09 -4.79
C GLU A 30 14.45 -3.10 -6.21
N SER A 31 14.28 -1.92 -6.80
CA SER A 31 13.72 -1.82 -8.14
C SER A 31 14.78 -1.97 -9.21
N ALA A 32 14.42 -2.69 -10.27
CA ALA A 32 15.32 -2.90 -11.39
C ALA A 32 15.20 -1.76 -12.38
N VAL A 33 14.13 -0.98 -12.25
CA VAL A 33 13.91 0.13 -13.16
C VAL A 33 13.53 1.42 -12.45
N GLY A 34 13.49 2.53 -13.19
CA GLY A 34 13.12 3.81 -12.63
C GLY A 34 14.21 4.59 -11.94
N ASN A 35 13.84 5.73 -11.38
CA ASN A 35 14.77 6.60 -10.66
C ASN A 35 14.95 6.04 -9.25
N ALA A 36 15.75 4.99 -9.14
CA ALA A 36 15.96 4.34 -7.85
C ALA A 36 17.27 3.58 -7.79
N GLU A 37 17.81 3.44 -6.58
CA GLU A 37 19.05 2.70 -6.37
C GLU A 37 19.12 2.13 -4.95
N SER A 38 19.71 0.95 -4.84
CA SER A 38 19.86 0.28 -3.56
C SER A 38 18.51 -0.13 -2.97
N ARG A 39 18.49 -0.38 -1.67
CA ARG A 39 17.27 -0.81 -0.99
C ARG A 39 16.42 0.29 -0.39
N TYR A 40 15.09 0.08 -0.43
CA TYR A 40 14.14 1.02 0.14
C TYR A 40 13.27 0.25 1.13
N VAL A 41 12.91 0.91 2.22
CA VAL A 41 12.08 0.27 3.24
C VAL A 41 10.66 0.04 2.75
N LEU A 42 10.06 -1.07 3.18
CA LEU A 42 8.68 -1.35 2.80
C LEU A 42 7.91 -1.78 4.04
N THR A 43 6.61 -1.52 4.02
CA THR A 43 5.74 -1.87 5.13
C THR A 43 4.36 -2.19 4.58
N GLY A 44 3.75 -3.26 5.07
CA GLY A 44 2.43 -3.64 4.60
C GLY A 44 1.61 -4.39 5.62
N ARG A 45 0.53 -5.00 5.15
CA ARG A 45 -0.38 -5.78 6.00
C ARG A 45 -0.93 -6.93 5.17
N TYR A 46 -1.28 -8.03 5.83
CA TYR A 46 -1.88 -9.16 5.11
C TYR A 46 -2.91 -9.85 5.99
N ASP A 47 -3.75 -10.66 5.36
CA ASP A 47 -4.77 -11.41 6.07
C ASP A 47 -4.07 -12.58 6.76
N SER A 48 -3.89 -12.47 8.08
CA SER A 48 -3.22 -13.50 8.86
C SER A 48 -4.12 -14.68 9.18
N ALA A 49 -5.31 -14.71 8.59
CA ALA A 49 -6.26 -15.80 8.81
C ALA A 49 -7.10 -16.02 7.56
N PRO A 50 -6.47 -16.47 6.46
CA PRO A 50 -7.15 -16.73 5.19
C PRO A 50 -8.18 -17.87 5.27
N ALA A 51 -9.01 -17.99 4.25
CA ALA A 51 -10.01 -19.05 4.18
C ALA A 51 -9.27 -20.36 3.88
N THR A 52 -9.66 -21.44 4.54
CA THR A 52 -9.01 -22.74 4.36
C THR A 52 -9.29 -23.40 3.01
N ASP A 53 -9.91 -22.65 2.10
CA ASP A 53 -10.20 -23.19 0.78
C ASP A 53 -9.04 -22.85 -0.17
N GLY A 54 -9.26 -23.01 -1.47
CA GLY A 54 -8.21 -22.71 -2.44
C GLY A 54 -8.02 -21.24 -2.72
N SER A 55 -8.53 -20.37 -1.84
CA SER A 55 -8.41 -18.93 -2.01
C SER A 55 -7.00 -18.40 -1.76
N GLY A 56 -6.73 -17.22 -2.28
CA GLY A 56 -5.43 -16.58 -2.09
C GLY A 56 -5.48 -15.74 -0.83
N THR A 57 -4.31 -15.28 -0.39
CA THR A 57 -4.19 -14.46 0.81
C THR A 57 -3.99 -13.00 0.39
N ALA A 58 -4.99 -12.17 0.68
CA ALA A 58 -4.92 -10.75 0.33
C ALA A 58 -3.81 -10.06 1.11
N LEU A 59 -3.10 -9.14 0.45
CA LEU A 59 -2.03 -8.41 1.09
C LEU A 59 -1.75 -7.12 0.35
N GLY A 60 -0.91 -6.28 0.94
CA GLY A 60 -0.56 -5.02 0.31
C GLY A 60 0.61 -4.36 1.02
N TRP A 61 1.39 -3.58 0.30
CA TRP A 61 2.52 -2.89 0.90
C TRP A 61 2.85 -1.61 0.14
N THR A 62 3.50 -0.69 0.84
CA THR A 62 3.89 0.59 0.26
C THR A 62 5.41 0.72 0.26
N VAL A 63 5.92 1.60 -0.58
CA VAL A 63 7.34 1.87 -0.65
C VAL A 63 7.49 3.32 -1.13
N ALA A 64 8.00 4.18 -0.25
CA ALA A 64 8.22 5.58 -0.64
C ALA A 64 9.63 5.54 -1.22
N TRP A 65 9.80 6.04 -2.43
CA TRP A 65 11.10 6.01 -3.09
C TRP A 65 12.10 7.02 -2.58
N LYS A 66 12.47 6.83 -1.32
CA LYS A 66 13.47 7.69 -0.70
C LYS A 66 14.29 6.90 0.30
N ASN A 67 15.60 6.91 0.11
CA ASN A 67 16.49 6.25 1.04
C ASN A 67 17.66 7.22 1.27
N ASN A 68 18.76 6.73 1.82
CA ASN A 68 19.90 7.60 2.07
C ASN A 68 20.71 7.91 0.82
N TYR A 69 20.21 7.53 -0.36
CA TYR A 69 20.94 7.81 -1.60
C TYR A 69 20.14 8.59 -2.63
N ARG A 70 18.84 8.31 -2.71
CA ARG A 70 17.99 9.01 -3.68
C ARG A 70 16.58 9.22 -3.17
N ASN A 71 15.94 10.25 -3.71
CA ASN A 71 14.57 10.57 -3.38
C ASN A 71 13.89 10.88 -4.70
N ALA A 72 12.90 10.06 -5.08
CA ALA A 72 12.20 10.29 -6.32
C ALA A 72 10.90 11.06 -6.08
N HIS A 73 10.61 11.34 -4.81
CA HIS A 73 9.39 12.05 -4.45
C HIS A 73 8.18 11.32 -5.01
N SER A 74 8.11 10.02 -4.74
CA SER A 74 7.00 9.21 -5.22
C SER A 74 6.80 8.04 -4.29
N ALA A 75 5.67 7.36 -4.44
CA ALA A 75 5.36 6.20 -3.63
C ALA A 75 4.55 5.21 -4.44
N THR A 76 4.84 3.93 -4.24
CA THR A 76 4.10 2.87 -4.93
C THR A 76 3.43 2.00 -3.87
N THR A 77 2.24 1.53 -4.19
CA THR A 77 1.51 0.64 -3.30
C THR A 77 1.13 -0.56 -4.13
N TRP A 78 1.40 -1.76 -3.62
CA TRP A 78 1.04 -2.98 -4.31
C TRP A 78 -0.11 -3.63 -3.59
N SER A 79 -1.14 -3.98 -4.35
CA SER A 79 -2.32 -4.64 -3.80
C SER A 79 -2.50 -5.95 -4.56
N GLY A 80 -2.59 -7.06 -3.82
CA GLY A 80 -2.77 -8.33 -4.47
C GLY A 80 -3.03 -9.49 -3.53
N GLN A 81 -2.63 -10.67 -3.96
CA GLN A 81 -2.80 -11.86 -3.15
C GLN A 81 -1.67 -12.85 -3.34
N TYR A 82 -1.40 -13.59 -2.26
CA TYR A 82 -0.38 -14.62 -2.25
C TYR A 82 -1.09 -15.93 -2.56
N VAL A 83 -0.44 -16.79 -3.31
CA VAL A 83 -1.00 -18.09 -3.65
C VAL A 83 0.08 -19.12 -3.41
N GLY A 84 -0.06 -19.87 -2.31
CA GLY A 84 0.94 -20.86 -1.97
C GLY A 84 0.95 -22.13 -2.79
N GLY A 85 1.70 -23.11 -2.31
CA GLY A 85 1.81 -24.37 -3.01
C GLY A 85 3.23 -24.61 -3.45
N ALA A 86 3.41 -25.48 -4.44
CA ALA A 86 4.75 -25.78 -4.96
C ALA A 86 5.35 -24.50 -5.50
N GLU A 87 4.65 -23.89 -6.45
CA GLU A 87 5.10 -22.65 -7.08
C GLU A 87 4.35 -21.47 -6.50
N ALA A 88 4.82 -20.98 -5.36
CA ALA A 88 4.19 -19.85 -4.69
C ALA A 88 4.33 -18.60 -5.54
N ARG A 89 3.25 -17.84 -5.63
CA ARG A 89 3.26 -16.61 -6.41
C ARG A 89 2.52 -15.49 -5.70
N ILE A 90 2.87 -14.25 -6.04
CA ILE A 90 2.21 -13.08 -5.51
C ILE A 90 1.82 -12.24 -6.72
N ASN A 91 0.55 -12.26 -7.06
CA ASN A 91 0.06 -11.50 -8.21
C ASN A 91 -0.44 -10.17 -7.69
N THR A 92 0.10 -9.08 -8.21
CA THR A 92 -0.32 -7.77 -7.73
C THR A 92 -0.63 -6.77 -8.83
N GLN A 93 -1.24 -5.67 -8.41
CA GLN A 93 -1.54 -4.55 -9.27
C GLN A 93 -1.09 -3.37 -8.42
N TRP A 94 -0.38 -2.42 -9.04
CA TRP A 94 0.12 -1.29 -8.27
C TRP A 94 -0.24 0.10 -8.76
N LEU A 95 0.00 1.07 -7.89
CA LEU A 95 -0.23 2.48 -8.15
C LEU A 95 1.01 3.22 -7.68
N LEU A 96 1.65 3.94 -8.59
CA LEU A 96 2.84 4.72 -8.29
C LEU A 96 2.50 6.20 -8.45
N THR A 97 2.40 6.92 -7.33
CA THR A 97 2.07 8.33 -7.38
C THR A 97 3.29 9.22 -7.19
N SER A 98 3.43 10.23 -8.04
CA SER A 98 4.53 11.18 -7.95
C SER A 98 4.01 12.48 -7.36
N GLY A 99 4.86 13.15 -6.58
CA GLY A 99 4.45 14.43 -6.02
C GLY A 99 4.42 15.40 -7.19
N THR A 100 3.37 16.20 -7.28
CA THR A 100 3.25 17.14 -8.38
C THR A 100 2.58 18.42 -7.94
N THR A 101 2.62 19.42 -8.80
CA THR A 101 1.98 20.70 -8.54
C THR A 101 0.51 20.47 -8.82
N GLU A 102 -0.34 21.37 -8.34
CA GLU A 102 -1.78 21.26 -8.55
C GLU A 102 -2.12 21.07 -10.02
N ALA A 103 -1.43 21.81 -10.89
CA ALA A 103 -1.66 21.76 -12.32
C ALA A 103 -1.36 20.41 -12.97
N ASN A 104 -0.33 19.71 -12.48
CA ASN A 104 0.04 18.42 -13.05
C ASN A 104 -0.54 17.20 -12.32
N ALA A 105 -1.39 17.45 -11.34
CA ALA A 105 -1.99 16.37 -10.57
C ALA A 105 -2.62 15.28 -11.44
N TRP A 106 -3.33 15.68 -12.49
CA TRP A 106 -4.01 14.72 -13.34
C TRP A 106 -3.11 13.62 -13.92
N LYS A 107 -1.82 13.88 -14.03
CA LYS A 107 -0.90 12.88 -14.56
C LYS A 107 0.12 12.42 -13.52
N SER A 108 -0.31 12.38 -12.26
CA SER A 108 0.56 12.00 -11.16
C SER A 108 0.59 10.50 -10.83
N THR A 109 -0.38 9.76 -11.34
CA THR A 109 -0.47 8.35 -10.99
C THR A 109 -0.38 7.31 -12.12
N LEU A 110 0.63 6.45 -12.02
CA LEU A 110 0.81 5.37 -12.99
C LEU A 110 0.19 4.12 -12.41
N VAL A 111 -0.28 3.23 -13.27
CA VAL A 111 -0.90 1.98 -12.85
C VAL A 111 -0.22 0.83 -13.60
N GLY A 112 0.01 -0.29 -12.90
CA GLY A 112 0.64 -1.44 -13.53
C GLY A 112 0.33 -2.73 -12.81
N HIS A 113 1.10 -3.77 -13.09
CA HIS A 113 0.91 -5.07 -12.46
C HIS A 113 2.21 -5.89 -12.48
N ASP A 114 2.58 -6.44 -11.33
CA ASP A 114 3.78 -7.25 -11.20
C ASP A 114 3.42 -8.65 -10.70
N THR A 115 4.18 -9.63 -11.15
CA THR A 115 3.98 -11.00 -10.68
C THR A 115 5.27 -11.38 -10.00
N PHE A 116 5.17 -11.86 -8.76
CA PHE A 116 6.35 -12.25 -8.02
C PHE A 116 6.50 -13.77 -7.89
N THR A 117 7.72 -14.23 -8.06
CA THR A 117 8.05 -15.65 -7.95
C THR A 117 9.00 -15.75 -6.78
N LYS A 118 8.75 -16.70 -5.88
CA LYS A 118 9.59 -16.88 -4.71
C LYS A 118 10.78 -17.80 -4.99
N VAL A 119 11.91 -17.49 -4.37
CA VAL A 119 13.13 -18.28 -4.56
C VAL A 119 13.37 -19.20 -3.37
N LYS A 120 13.66 -20.47 -3.64
CA LYS A 120 13.89 -21.43 -2.57
C LYS A 120 14.92 -20.90 -1.58
N PRO A 121 14.48 -20.52 -0.38
CA PRO A 121 15.42 -19.99 0.61
C PRO A 121 16.39 -21.09 1.08
N GLY B 2 1.98 18.09 9.45
CA GLY B 2 0.74 18.37 8.67
C GLY B 2 -0.04 17.10 8.39
N ILE B 3 0.66 16.06 7.94
CA ILE B 3 0.02 14.80 7.63
C ILE B 3 -0.60 14.18 8.88
N THR B 4 0.09 14.30 10.00
CA THR B 4 -0.41 13.75 11.26
C THR B 4 -1.75 14.36 11.68
N GLY B 5 -2.68 13.51 12.08
CA GLY B 5 -3.97 14.00 12.52
C GLY B 5 -5.10 13.05 12.21
N THR B 6 -6.32 13.58 12.27
CA THR B 6 -7.52 12.80 11.97
C THR B 6 -8.11 13.35 10.69
N TRP B 7 -8.30 12.47 9.70
CA TRP B 7 -8.86 12.87 8.42
C TRP B 7 -10.12 12.09 8.10
N TYR B 8 -10.94 12.64 7.20
CA TYR B 8 -12.19 12.00 6.80
C TYR B 8 -12.31 12.05 5.29
N ASN B 9 -12.87 11.01 4.69
CA ASN B 9 -13.04 11.01 3.23
C ASN B 9 -14.51 11.27 2.87
N GLN B 10 -14.79 11.39 1.58
CA GLN B 10 -16.15 11.67 1.13
C GLN B 10 -17.19 10.65 1.58
N LEU B 11 -16.76 9.46 1.96
CA LEU B 11 -17.68 8.42 2.40
C LEU B 11 -17.96 8.50 3.90
N GLY B 12 -17.14 9.26 4.62
CA GLY B 12 -17.33 9.40 6.05
C GLY B 12 -16.40 8.53 6.87
N SER B 13 -15.47 7.87 6.20
CA SER B 13 -14.50 7.01 6.88
C SER B 13 -13.52 7.87 7.68
N THR B 14 -13.00 7.33 8.77
CA THR B 14 -12.06 8.04 9.63
C THR B 14 -10.64 7.49 9.51
N PHE B 15 -9.71 8.37 9.15
CA PHE B 15 -8.30 8.02 8.99
C PHE B 15 -7.48 8.72 10.08
N ILE B 16 -6.86 7.95 10.97
CA ILE B 16 -6.05 8.56 12.01
C ILE B 16 -4.59 8.13 11.83
N VAL B 17 -3.75 9.10 11.48
CA VAL B 17 -2.34 8.85 11.21
C VAL B 17 -1.32 9.58 12.05
N THR B 18 -0.15 8.96 12.15
CA THR B 18 1.00 9.52 12.82
C THR B 18 2.12 9.37 11.79
N ALA B 19 2.76 10.48 11.45
CA ALA B 19 3.86 10.45 10.48
C ALA B 19 5.19 10.61 11.22
N GLY B 20 6.02 9.58 11.16
CA GLY B 20 7.31 9.63 11.82
C GLY B 20 8.30 10.46 11.00
N ALA B 21 9.30 11.03 11.67
CA ALA B 21 10.28 11.87 10.98
C ALA B 21 11.05 11.12 9.89
N ASP B 22 11.12 9.79 10.02
CA ASP B 22 11.85 8.93 9.08
C ASP B 22 11.07 8.57 7.81
N GLY B 23 9.77 8.89 7.79
CA GLY B 23 8.97 8.59 6.62
C GLY B 23 7.98 7.46 6.82
N ALA B 24 7.68 7.14 8.08
CA ALA B 24 6.73 6.06 8.36
C ALA B 24 5.34 6.58 8.65
N LEU B 25 4.34 5.80 8.28
CA LEU B 25 2.94 6.13 8.52
C LEU B 25 2.37 5.02 9.38
N THR B 26 1.72 5.41 10.47
CA THR B 26 1.11 4.46 11.38
C THR B 26 -0.21 5.01 11.89
N GLY B 27 -1.19 4.13 12.07
CA GLY B 27 -2.47 4.56 12.57
C GLY B 27 -3.57 3.53 12.43
N THR B 28 -4.81 3.98 12.53
CA THR B 28 -5.96 3.09 12.42
C THR B 28 -6.92 3.63 11.37
N TYR B 29 -7.69 2.73 10.77
CA TYR B 29 -8.66 3.13 9.75
C TYR B 29 -10.03 2.55 10.07
N GLU B 30 -11.06 3.37 9.97
CA GLU B 30 -12.42 2.93 10.23
C GLU B 30 -13.28 3.25 9.01
N SER B 31 -13.79 2.22 8.34
CA SER B 31 -14.60 2.43 7.14
C SER B 31 -16.08 2.62 7.41
N ALA B 32 -16.69 3.53 6.65
CA ALA B 32 -18.11 3.83 6.79
C ALA B 32 -18.94 2.93 5.89
N VAL B 33 -18.28 2.16 5.02
CA VAL B 33 -18.98 1.24 4.12
C VAL B 33 -18.27 -0.11 4.04
N GLY B 34 -18.96 -1.08 3.47
CA GLY B 34 -18.37 -2.39 3.31
C GLY B 34 -18.48 -3.36 4.46
N ASN B 35 -17.84 -4.52 4.28
CA ASN B 35 -17.81 -5.59 5.26
C ASN B 35 -16.76 -5.27 6.31
N ALA B 36 -17.05 -4.28 7.16
CA ALA B 36 -16.10 -3.86 8.18
C ALA B 36 -16.76 -3.10 9.33
N GLU B 37 -16.19 -3.25 10.52
CA GLU B 37 -16.68 -2.55 11.70
C GLU B 37 -15.53 -2.22 12.63
N SER B 38 -15.63 -1.06 13.27
CA SER B 38 -14.62 -0.57 14.19
C SER B 38 -13.31 -0.25 13.48
N ARG B 39 -12.22 -0.15 14.23
CA ARG B 39 -10.93 0.20 13.66
C ARG B 39 -10.06 -0.94 13.17
N TYR B 40 -9.21 -0.62 12.19
CA TYR B 40 -8.29 -1.59 11.62
C TYR B 40 -6.90 -0.95 11.56
N VAL B 41 -5.87 -1.75 11.81
CA VAL B 41 -4.51 -1.24 11.77
C VAL B 41 -4.11 -0.89 10.35
N LEU B 42 -3.25 0.12 10.21
CA LEU B 42 -2.78 0.55 8.92
C LEU B 42 -1.30 0.90 9.04
N THR B 43 -0.57 0.69 7.95
CA THR B 43 0.84 1.02 7.94
C THR B 43 1.18 1.49 6.53
N GLY B 44 2.09 2.45 6.43
CA GLY B 44 2.48 2.97 5.13
C GLY B 44 3.79 3.75 5.15
N ARG B 45 4.04 4.50 4.09
CA ARG B 45 5.26 5.29 3.94
C ARG B 45 4.95 6.60 3.21
N TYR B 46 5.81 7.59 3.38
CA TYR B 46 5.63 8.87 2.69
C TYR B 46 6.98 9.52 2.52
N ASP B 47 7.06 10.45 1.57
CA ASP B 47 8.29 11.17 1.28
C ASP B 47 8.51 12.18 2.40
N SER B 48 9.52 11.94 3.23
CA SER B 48 9.80 12.82 4.36
C SER B 48 10.74 13.98 3.99
N ALA B 49 10.95 14.18 2.69
CA ALA B 49 11.80 15.26 2.19
C ALA B 49 11.28 15.62 0.80
N PRO B 50 10.07 16.19 0.73
CA PRO B 50 9.43 16.59 -0.53
C PRO B 50 10.22 17.68 -1.28
N ALA B 51 9.84 17.91 -2.53
CA ALA B 51 10.50 18.91 -3.36
C ALA B 51 10.19 20.32 -2.84
N THR B 52 11.12 21.24 -3.10
CA THR B 52 10.98 22.64 -2.67
C THR B 52 9.99 23.45 -3.51
N ASP B 53 9.66 22.98 -4.71
CA ASP B 53 8.70 23.70 -5.54
C ASP B 53 7.32 23.55 -4.87
N GLY B 54 6.26 23.74 -5.62
CA GLY B 54 4.94 23.61 -5.01
C GLY B 54 4.33 22.22 -5.10
N SER B 55 5.18 21.20 -5.16
CA SER B 55 4.71 19.82 -5.28
C SER B 55 4.15 19.23 -3.99
N GLY B 56 3.24 18.27 -4.16
CA GLY B 56 2.66 17.59 -3.01
C GLY B 56 3.63 16.54 -2.53
N THR B 57 3.35 15.95 -1.37
CA THR B 57 4.24 14.94 -0.86
C THR B 57 3.59 13.57 -0.98
N ALA B 58 4.17 12.75 -1.85
CA ALA B 58 3.69 11.40 -2.13
C ALA B 58 3.62 10.54 -0.87
N LEU B 59 2.57 9.72 -0.79
CA LEU B 59 2.37 8.83 0.35
C LEU B 59 1.52 7.64 -0.04
N GLY B 60 1.52 6.62 0.83
CA GLY B 60 0.74 5.42 0.56
C GLY B 60 0.68 4.52 1.78
N TRP B 61 -0.47 3.89 2.00
CA TRP B 61 -0.61 3.00 3.15
C TRP B 61 -1.50 1.82 2.79
N THR B 62 -1.45 0.78 3.63
CA THR B 62 -2.22 -0.45 3.44
C THR B 62 -3.09 -0.75 4.67
N VAL B 63 -4.18 -1.47 4.44
CA VAL B 63 -5.08 -1.90 5.50
C VAL B 63 -5.64 -3.27 5.16
N ALA B 64 -5.27 -4.29 5.93
CA ALA B 64 -5.80 -5.62 5.72
C ALA B 64 -7.10 -5.56 6.52
N TRP B 65 -8.21 -5.93 5.90
CA TRP B 65 -9.49 -5.84 6.59
C TRP B 65 -9.81 -6.96 7.56
N LYS B 66 -8.97 -7.06 8.58
CA LYS B 66 -9.14 -8.07 9.61
C LYS B 66 -8.82 -7.48 10.97
N ASN B 67 -9.74 -7.68 11.91
CA ASN B 67 -9.55 -7.23 13.28
C ASN B 67 -10.29 -8.19 14.22
N ASN B 68 -10.46 -7.79 15.47
CA ASN B 68 -11.13 -8.65 16.45
C ASN B 68 -12.59 -8.97 16.14
N TYR B 69 -13.25 -8.16 15.33
CA TYR B 69 -14.66 -8.38 15.02
C TYR B 69 -14.98 -9.10 13.72
N ARG B 70 -14.20 -8.83 12.67
CA ARG B 70 -14.42 -9.43 11.37
C ARG B 70 -13.16 -9.61 10.55
N ASN B 71 -13.28 -10.38 9.47
CA ASN B 71 -12.20 -10.62 8.54
C ASN B 71 -12.85 -10.67 7.16
N ALA B 72 -12.72 -9.59 6.42
CA ALA B 72 -13.32 -9.52 5.08
C ALA B 72 -12.47 -10.25 4.04
N HIS B 73 -11.30 -10.75 4.45
CA HIS B 73 -10.38 -11.47 3.57
C HIS B 73 -9.98 -10.65 2.36
N SER B 74 -9.45 -9.46 2.63
CA SER B 74 -9.06 -8.55 1.57
C SER B 74 -8.21 -7.41 2.11
N ALA B 75 -7.52 -6.73 1.21
CA ALA B 75 -6.64 -5.62 1.57
C ALA B 75 -6.89 -4.42 0.66
N THR B 76 -6.62 -3.23 1.20
CA THR B 76 -6.77 -2.00 0.44
C THR B 76 -5.48 -1.22 0.57
N THR B 77 -5.03 -0.65 -0.55
CA THR B 77 -3.85 0.18 -0.56
C THR B 77 -4.27 1.51 -1.17
N TRP B 78 -3.89 2.59 -0.50
CA TRP B 78 -4.18 3.94 -0.96
C TRP B 78 -2.84 4.55 -1.42
N SER B 79 -2.84 5.12 -2.61
CA SER B 79 -1.64 5.75 -3.14
C SER B 79 -2.04 7.15 -3.58
N GLY B 80 -1.32 8.16 -3.12
CA GLY B 80 -1.68 9.52 -3.50
C GLY B 80 -0.72 10.59 -3.00
N GLN B 81 -1.24 11.80 -2.78
CA GLN B 81 -0.38 12.86 -2.30
C GLN B 81 -1.03 13.90 -1.41
N TYR B 82 -0.25 14.33 -0.42
CA TYR B 82 -0.66 15.33 0.55
C TYR B 82 -0.40 16.75 0.05
N VAL B 83 -1.40 17.61 0.20
CA VAL B 83 -1.27 19.00 -0.23
C VAL B 83 -1.60 19.89 0.96
N GLY B 84 -0.60 20.60 1.48
CA GLY B 84 -0.83 21.47 2.63
C GLY B 84 -1.48 22.79 2.26
N GLY B 85 -1.72 23.63 3.27
CA GLY B 85 -2.34 24.91 3.02
C GLY B 85 -3.50 25.16 3.97
N ALA B 86 -4.19 26.29 3.77
CA ALA B 86 -5.33 26.64 4.60
C ALA B 86 -6.32 25.47 4.69
N GLU B 87 -6.55 24.81 3.56
CA GLU B 87 -7.45 23.67 3.53
C GLU B 87 -6.74 22.44 2.99
N ALA B 88 -5.93 21.84 3.87
CA ALA B 88 -5.16 20.65 3.55
C ALA B 88 -6.04 19.51 3.12
N ARG B 89 -5.48 18.62 2.32
CA ARG B 89 -6.20 17.47 1.81
C ARG B 89 -5.25 16.41 1.31
N ILE B 90 -5.75 15.20 1.22
CA ILE B 90 -4.98 14.08 0.74
C ILE B 90 -5.83 13.44 -0.35
N ASN B 91 -5.38 13.57 -1.59
CA ASN B 91 -6.08 12.99 -2.73
C ASN B 91 -5.43 11.64 -3.03
N THR B 92 -6.24 10.59 -3.10
CA THR B 92 -5.69 9.27 -3.34
C THR B 92 -6.50 8.46 -4.34
N GLN B 93 -5.94 7.31 -4.68
CA GLN B 93 -6.59 6.35 -5.55
C GLN B 93 -6.24 5.03 -4.89
N TRP B 94 -7.20 4.12 -4.85
CA TRP B 94 -6.97 2.84 -4.18
C TRP B 94 -7.27 1.59 -4.98
N LEU B 95 -6.73 0.49 -4.51
CA LEU B 95 -6.91 -0.83 -5.10
C LEU B 95 -7.31 -1.74 -3.95
N LEU B 96 -8.50 -2.31 -4.04
CA LEU B 96 -9.01 -3.22 -3.03
C LEU B 96 -8.97 -4.64 -3.59
N THR B 97 -8.03 -5.45 -3.11
CA THR B 97 -7.92 -6.84 -3.57
C THR B 97 -8.54 -7.83 -2.58
N SER B 98 -9.35 -8.74 -3.11
CA SER B 98 -9.99 -9.75 -2.29
C SER B 98 -9.29 -11.07 -2.53
N GLY B 99 -9.20 -11.90 -1.50
CA GLY B 99 -8.58 -13.20 -1.68
C GLY B 99 -9.58 -13.99 -2.51
N THR B 100 -9.11 -14.66 -3.56
CA THR B 100 -10.02 -15.44 -4.39
C THR B 100 -9.35 -16.69 -4.96
N THR B 101 -10.19 -17.56 -5.54
CA THR B 101 -9.71 -18.77 -6.16
C THR B 101 -9.10 -18.30 -7.48
N GLU B 102 -8.18 -19.08 -8.03
CA GLU B 102 -7.54 -18.70 -9.27
C GLU B 102 -8.54 -18.45 -10.40
N ALA B 103 -9.72 -19.04 -10.29
CA ALA B 103 -10.78 -18.92 -11.29
C ALA B 103 -11.54 -17.59 -11.23
N ASN B 104 -11.45 -16.90 -10.09
CA ASN B 104 -12.13 -15.62 -9.95
C ASN B 104 -11.14 -14.49 -9.85
N ALA B 105 -9.87 -14.82 -10.05
CA ALA B 105 -8.81 -13.82 -9.96
C ALA B 105 -9.07 -12.62 -10.85
N TRP B 106 -9.70 -12.81 -12.00
CA TRP B 106 -9.98 -11.70 -12.90
C TRP B 106 -10.84 -10.60 -12.29
N LYS B 107 -11.72 -10.94 -11.34
CA LYS B 107 -12.57 -9.92 -10.73
C LYS B 107 -12.28 -9.76 -9.23
N SER B 108 -11.01 -9.81 -8.86
CA SER B 108 -10.63 -9.69 -7.47
C SER B 108 -10.19 -8.30 -7.04
N THR B 109 -10.05 -7.37 -7.98
CA THR B 109 -9.57 -6.05 -7.61
C THR B 109 -10.43 -4.86 -8.03
N LEU B 110 -10.90 -4.12 -7.03
CA LEU B 110 -11.70 -2.93 -7.27
C LEU B 110 -10.75 -1.71 -7.24
N VAL B 111 -11.13 -0.66 -7.96
CA VAL B 111 -10.30 0.53 -7.99
C VAL B 111 -11.19 1.75 -7.78
N GLY B 112 -10.71 2.67 -6.94
CA GLY B 112 -11.48 3.88 -6.65
C GLY B 112 -10.58 5.06 -6.31
N HIS B 113 -11.18 6.12 -5.78
CA HIS B 113 -10.44 7.33 -5.42
C HIS B 113 -11.09 7.99 -4.20
N ASP B 114 -10.29 8.29 -3.19
CA ASP B 114 -10.78 8.94 -1.98
C ASP B 114 -10.06 10.25 -1.74
N THR B 115 -10.82 11.24 -1.27
CA THR B 115 -10.27 12.55 -0.96
C THR B 115 -10.49 12.74 0.53
N PHE B 116 -9.42 13.03 1.26
CA PHE B 116 -9.51 13.23 2.69
C PHE B 116 -9.28 14.69 3.09
N THR B 117 -10.08 15.18 4.04
CA THR B 117 -9.92 16.52 4.57
C THR B 117 -10.05 16.36 6.08
N LYS B 118 -9.72 17.41 6.82
CA LYS B 118 -9.80 17.36 8.26
C LYS B 118 -11.15 17.78 8.82
N VAL B 119 -12.13 17.96 7.94
CA VAL B 119 -13.47 18.36 8.36
C VAL B 119 -14.43 17.18 8.51
#